data_8QM7
#
_entry.id   8QM7
#
_cell.length_a   47.157
_cell.length_b   69.122
_cell.length_c   64.435
_cell.angle_alpha   90.00
_cell.angle_beta   95.67
_cell.angle_gamma   90.00
#
_symmetry.space_group_name_H-M   'P 1 21 1'
#
loop_
_entity.id
_entity.type
_entity.pdbx_description
1 polymer 'Eukaryotic translation initiation factor 4E'
2 non-polymer 'DIMETHYL SULFOXIDE'
3 non-polymer 'TRIETHYLENE GLYCOL'
4 non-polymer (2~{R})-2-[(1~{R})-1-[4-(2-fluorophenyl)-2-(2-hydroxyethylamino)phenyl]propoxy]propan-1-ol
5 non-polymer DI(HYDROXYETHYL)ETHER
6 water water
#
_entity_poly.entity_id   1
_entity_poly.type   'polypeptide(L)'
_entity_poly.pdbx_seq_one_letter_code
;MHHHHHHGARIIYDRAFLMACRGGGGENLYFQGKHPLQNRWALWFFKNDKSKTWQANLRLISKFDTVEDFWALYNHIQLS
SNLMPGCDYSLFKDGIEPMWEDEKNKRGGRWLITLNKQQRRSDLNRFWLETLLCLIGESFDDYSDDVCGAVVNVRAKGDK
IAIWTTECENREAVTHIGRVYKERLGLPPKIVIGYQSHADTATKSGSTTKNRFVV
;
_entity_poly.pdbx_strand_id   A,B
#
loop_
_chem_comp.id
_chem_comp.type
_chem_comp.name
_chem_comp.formula
DMS non-polymer 'DIMETHYL SULFOXIDE' 'C2 H6 O S'
PEG non-polymer DI(HYDROXYETHYL)ETHER 'C4 H10 O3'
PGE non-polymer 'TRIETHYLENE GLYCOL' 'C6 H14 O4'
W5K non-polymer (2~{R})-2-[(1~{R})-1-[4-(2-fluorophenyl)-2-(2-hydroxyethylamino)phenyl]propoxy]propan-1-ol 'C20 H26 F N O3'
#
# COMPACT_ATOMS: atom_id res chain seq x y z
N GLY A 8 20.99 -19.16 14.08
CA GLY A 8 19.73 -18.48 13.78
C GLY A 8 19.96 -16.99 13.62
N ALA A 9 20.74 -16.64 12.57
CA ALA A 9 21.48 -15.38 12.57
C ALA A 9 20.92 -14.38 11.54
N ARG A 10 21.24 -13.08 11.73
CA ARG A 10 20.85 -12.03 10.78
C ARG A 10 21.41 -12.35 9.39
N ILE A 11 20.61 -12.13 8.36
CA ILE A 11 21.02 -12.24 6.95
C ILE A 11 21.64 -10.91 6.50
N ILE A 12 22.93 -10.94 6.23
CA ILE A 12 23.68 -9.76 5.89
C ILE A 12 24.33 -9.99 4.56
N TYR A 13 24.14 -9.04 3.64
CA TYR A 13 24.82 -9.05 2.36
C TYR A 13 25.67 -7.84 2.23
N ASP A 14 26.95 -8.02 1.93
CA ASP A 14 27.78 -6.90 1.56
C ASP A 14 27.44 -6.43 0.13
N ARG A 15 27.98 -5.27 -0.21
CA ARG A 15 27.77 -4.65 -1.51
C ARG A 15 28.14 -5.57 -2.67
N ALA A 16 29.32 -6.22 -2.60
CA ALA A 16 29.79 -7.09 -3.65
C ALA A 16 28.86 -8.25 -3.93
N PHE A 17 28.30 -8.89 -2.89
CA PHE A 17 27.40 -9.99 -3.08
C PHE A 17 26.11 -9.54 -3.77
N LEU A 18 25.52 -8.40 -3.34
CA LEU A 18 24.28 -7.90 -3.95
C LEU A 18 24.48 -7.54 -5.42
N MET A 19 25.60 -6.93 -5.77
CA MET A 19 25.90 -6.61 -7.18
C MET A 19 26.06 -7.87 -8.05
N ALA A 20 26.74 -8.90 -7.54
CA ALA A 20 26.85 -10.20 -8.22
C ALA A 20 25.48 -10.86 -8.49
N CYS A 21 24.49 -10.69 -7.55
CA CYS A 21 23.13 -11.23 -7.70
C CYS A 21 22.23 -10.44 -8.70
N ARG A 22 22.80 -9.55 -9.51
CA ARG A 22 22.07 -8.63 -10.36
C ARG A 22 22.08 -9.11 -11.82
N GLY A 23 20.92 -8.95 -12.49
CA GLY A 23 20.80 -9.12 -13.93
C GLY A 23 20.21 -10.48 -14.29
N GLY A 24 19.17 -10.87 -13.55
CA GLY A 24 18.49 -12.15 -13.72
C GLY A 24 19.41 -13.33 -13.50
N GLY A 25 19.12 -14.41 -14.21
CA GLY A 25 20.03 -15.55 -14.34
C GLY A 25 19.54 -16.77 -13.61
N GLY A 26 19.26 -16.60 -12.33
CA GLY A 26 18.85 -17.67 -11.44
C GLY A 26 17.63 -18.44 -11.92
N GLU A 27 17.80 -19.76 -12.10
CA GLU A 27 16.69 -20.65 -12.42
C GLU A 27 15.63 -20.65 -11.31
N ASN A 28 16.06 -20.49 -10.02
CA ASN A 28 15.22 -20.59 -8.83
C ASN A 28 14.54 -21.94 -8.70
N LEU A 29 15.36 -22.99 -8.82
CA LEU A 29 14.86 -24.35 -8.64
C LEU A 29 14.35 -24.56 -7.24
N TYR A 30 13.24 -25.33 -7.13
CA TYR A 30 12.53 -25.63 -5.89
C TYR A 30 12.04 -24.38 -5.15
N PHE A 31 11.94 -23.17 -5.79
CA PHE A 31 11.71 -21.87 -5.10
C PHE A 31 12.71 -21.67 -3.97
N GLN A 32 13.96 -22.16 -4.17
CA GLN A 32 15.02 -22.19 -3.14
C GLN A 32 16.35 -21.66 -3.61
N GLY A 33 16.41 -21.08 -4.79
CA GLY A 33 17.63 -20.56 -5.37
C GLY A 33 17.76 -19.03 -5.27
N LYS A 34 16.73 -18.35 -4.80
CA LYS A 34 16.73 -16.92 -4.54
C LYS A 34 17.28 -16.65 -3.13
N HIS A 35 17.88 -15.45 -2.94
CA HIS A 35 18.59 -15.09 -1.72
C HIS A 35 17.72 -14.26 -0.81
N PRO A 36 17.23 -14.85 0.30
CA PRO A 36 16.27 -14.14 1.14
C PRO A 36 16.86 -12.93 1.84
N LEU A 37 16.06 -11.88 1.93
CA LEU A 37 16.41 -10.71 2.73
C LEU A 37 16.00 -10.93 4.19
N GLN A 38 16.68 -10.27 5.11
CA GLN A 38 16.33 -10.27 6.53
C GLN A 38 14.94 -9.73 6.75
N ASN A 39 14.57 -8.67 6.04
CA ASN A 39 13.25 -8.04 6.11
C ASN A 39 12.57 -8.02 4.76
N ARG A 40 11.25 -7.95 4.74
CA ARG A 40 10.45 -7.62 3.57
C ARG A 40 10.35 -6.09 3.49
N TRP A 41 10.44 -5.56 2.27
CA TRP A 41 10.53 -4.11 2.02
C TRP A 41 9.43 -3.69 1.10
N ALA A 42 8.90 -2.46 1.29
CA ALA A 42 7.87 -1.93 0.43
C ALA A 42 8.33 -0.61 -0.13
N LEU A 43 8.14 -0.47 -1.44
CA LEU A 43 8.43 0.71 -2.21
C LEU A 43 7.18 1.53 -2.35
N TRP A 44 7.28 2.80 -1.97
CA TRP A 44 6.23 3.79 -1.98
C TRP A 44 6.58 4.94 -2.91
N PHE A 45 5.55 5.52 -3.49
CA PHE A 45 5.61 6.71 -4.34
C PHE A 45 4.66 7.72 -3.73
N PHE A 46 5.07 8.96 -3.67
CA PHE A 46 4.23 10.03 -3.16
C PHE A 46 4.25 11.13 -4.19
N LYS A 47 3.13 11.28 -4.93
CA LYS A 47 3.03 12.23 -6.03
C LYS A 47 2.65 13.63 -5.50
N ASN A 48 2.76 14.65 -6.35
CA ASN A 48 2.44 16.01 -5.91
C ASN A 48 1.57 16.75 -6.91
N ASP A 49 0.27 16.37 -6.99
CA ASP A 49 -0.65 17.08 -7.88
C ASP A 49 -2.15 16.74 -7.67
N LYS A 50 -3.00 17.65 -8.16
CA LYS A 50 -4.44 17.49 -8.39
C LYS A 50 -5.29 17.80 -7.14
N SER A 51 -4.77 18.64 -6.23
CA SER A 51 -5.53 19.14 -5.08
C SER A 51 -6.10 18.00 -4.25
N LYS A 52 -5.19 17.10 -3.82
CA LYS A 52 -5.51 15.83 -3.17
C LYS A 52 -4.98 15.76 -1.76
N THR A 53 -5.62 14.93 -0.94
CA THR A 53 -5.19 14.68 0.44
C THR A 53 -3.86 13.91 0.49
N TRP A 54 -3.07 14.11 1.56
CA TRP A 54 -1.80 13.40 1.80
C TRP A 54 -1.91 11.88 1.56
N GLN A 55 -2.99 11.27 2.05
CA GLN A 55 -3.29 9.85 1.87
C GLN A 55 -3.49 9.49 0.40
N ALA A 56 -4.20 10.33 -0.35
CA ALA A 56 -4.45 10.05 -1.76
C ALA A 56 -3.20 10.06 -2.60
N ASN A 57 -2.20 10.87 -2.23
CA ASN A 57 -0.95 10.96 -2.99
C ASN A 57 0.06 9.88 -2.67
N LEU A 58 -0.06 9.23 -1.50
CA LEU A 58 0.78 8.12 -1.15
C LEU A 58 0.25 6.84 -1.72
N ARG A 59 1.07 6.16 -2.49
CA ARG A 59 0.72 4.91 -3.13
C ARG A 59 1.82 3.87 -2.85
N LEU A 60 1.44 2.63 -2.51
CA LEU A 60 2.37 1.52 -2.43
C LEU A 60 2.53 0.99 -3.85
N ILE A 61 3.74 0.89 -4.35
CA ILE A 61 4.07 0.31 -5.64
C ILE A 61 4.16 -1.23 -5.49
N SER A 62 5.02 -1.73 -4.60
CA SER A 62 5.45 -3.12 -4.67
C SER A 62 6.21 -3.51 -3.40
N LYS A 63 6.16 -4.79 -3.04
CA LYS A 63 6.94 -5.37 -1.95
C LYS A 63 7.84 -6.51 -2.41
N PHE A 64 8.91 -6.80 -1.66
CA PHE A 64 9.91 -7.81 -2.02
C PHE A 64 10.68 -8.24 -0.80
N ASP A 65 11.19 -9.45 -0.81
CA ASP A 65 11.96 -10.01 0.29
C ASP A 65 13.08 -10.96 -0.19
N THR A 66 13.54 -10.81 -1.46
CA THR A 66 14.75 -11.45 -1.96
C THR A 66 15.60 -10.44 -2.70
N VAL A 67 16.90 -10.75 -2.84
CA VAL A 67 17.85 -9.95 -3.60
C VAL A 67 17.45 -9.86 -5.05
N GLU A 68 17.06 -10.97 -5.65
CA GLU A 68 16.66 -11.04 -7.07
C GLU A 68 15.38 -10.24 -7.37
N ASP A 69 14.39 -10.30 -6.46
CA ASP A 69 13.16 -9.52 -6.66
C ASP A 69 13.41 -8.01 -6.45
N PHE A 70 14.37 -7.64 -5.55
CA PHE A 70 14.85 -6.26 -5.45
C PHE A 70 15.40 -5.82 -6.79
N TRP A 71 16.33 -6.60 -7.38
CA TRP A 71 16.92 -6.23 -8.65
C TRP A 71 15.95 -6.23 -9.80
N ALA A 72 14.99 -7.15 -9.85
CA ALA A 72 13.92 -7.11 -10.86
C ALA A 72 13.15 -5.77 -10.80
N LEU A 73 12.74 -5.34 -9.61
CA LEU A 73 12.00 -4.08 -9.40
C LEU A 73 12.89 -2.92 -9.72
N TYR A 74 14.16 -2.95 -9.27
CA TYR A 74 15.11 -1.89 -9.56
C TYR A 74 15.30 -1.70 -11.07
N ASN A 75 15.60 -2.80 -11.78
CA ASN A 75 15.78 -2.78 -13.23
C ASN A 75 14.50 -2.29 -13.92
N HIS A 76 13.34 -2.81 -13.51
CA HIS A 76 12.06 -2.31 -14.03
C HIS A 76 11.89 -0.77 -13.85
N ILE A 77 11.94 -0.21 -12.60
CA ILE A 77 11.82 1.23 -12.36
C ILE A 77 12.87 2.01 -13.21
N GLN A 78 14.12 1.54 -13.22
CA GLN A 78 15.23 2.20 -13.90
C GLN A 78 14.94 2.34 -15.42
N LEU A 79 14.28 1.35 -16.04
CA LEU A 79 13.90 1.40 -17.45
C LEU A 79 12.51 2.01 -17.73
N SER A 80 11.54 1.84 -16.84
CA SER A 80 10.16 2.27 -17.07
C SER A 80 9.79 3.64 -16.51
N SER A 81 10.67 4.29 -15.74
CA SER A 81 10.28 5.50 -15.01
C SER A 81 11.20 6.63 -15.34
N ASN A 82 10.63 7.85 -15.40
CA ASN A 82 11.39 9.08 -15.61
C ASN A 82 11.25 10.00 -14.38
N LEU A 83 12.23 10.89 -14.20
CA LEU A 83 12.40 11.67 -12.99
C LEU A 83 11.54 12.94 -12.98
N MET A 84 10.59 13.04 -12.02
CA MET A 84 9.65 14.16 -11.89
C MET A 84 9.89 14.85 -10.56
N PRO A 85 10.27 16.13 -10.50
CA PRO A 85 10.26 16.83 -9.20
C PRO A 85 8.88 16.89 -8.55
N GLY A 86 8.85 17.21 -7.26
CA GLY A 86 7.67 17.12 -6.42
C GLY A 86 7.40 15.70 -5.91
N CYS A 87 7.92 14.69 -6.60
CA CYS A 87 7.74 13.30 -6.22
C CYS A 87 8.72 12.86 -5.08
N ASP A 88 8.36 11.78 -4.43
CA ASP A 88 9.19 11.12 -3.47
C ASP A 88 9.06 9.64 -3.67
N TYR A 89 10.17 8.95 -3.55
CA TYR A 89 10.19 7.51 -3.39
C TYR A 89 10.73 7.16 -2.01
N SER A 90 10.21 6.10 -1.43
CA SER A 90 10.56 5.63 -0.10
C SER A 90 10.60 4.12 -0.13
N LEU A 91 11.67 3.50 0.41
CA LEU A 91 11.70 2.10 0.71
C LEU A 91 11.66 1.92 2.20
N PHE A 92 10.57 1.32 2.75
CA PHE A 92 10.43 1.09 4.17
C PHE A 92 10.20 -0.37 4.47
N LYS A 93 10.60 -0.82 5.65
CA LYS A 93 10.27 -2.17 6.10
C LYS A 93 8.76 -2.39 6.04
N ASP A 94 8.37 -3.60 5.73
CA ASP A 94 6.96 -3.98 5.65
C ASP A 94 6.27 -3.65 6.99
N GLY A 95 5.17 -2.90 6.93
CA GLY A 95 4.39 -2.51 8.07
C GLY A 95 4.64 -1.12 8.65
N ILE A 96 5.58 -0.37 8.07
CA ILE A 96 5.89 1.00 8.46
C ILE A 96 5.52 1.88 7.28
N GLU A 97 4.53 2.74 7.47
CA GLU A 97 4.22 3.75 6.46
C GLU A 97 5.34 4.81 6.41
N PRO A 98 5.61 5.35 5.20
CA PRO A 98 6.67 6.36 5.07
C PRO A 98 6.25 7.75 5.50
N MET A 99 5.67 7.87 6.70
CA MET A 99 5.21 9.11 7.30
C MET A 99 5.72 9.14 8.76
N TRP A 100 6.13 10.31 9.22
CA TRP A 100 6.74 10.44 10.55
C TRP A 100 5.71 10.15 11.67
N GLU A 101 4.39 10.28 11.40
CA GLU A 101 3.33 9.98 12.35
C GLU A 101 3.21 8.50 12.71
N ASP A 102 3.78 7.59 11.89
CA ASP A 102 3.80 6.16 12.17
C ASP A 102 4.46 5.89 13.50
N GLU A 103 3.90 4.92 14.26
CA GLU A 103 4.47 4.49 15.55
C GLU A 103 5.99 4.20 15.48
N LYS A 104 6.49 3.64 14.36
CA LYS A 104 7.93 3.35 14.19
C LYS A 104 8.77 4.52 13.74
N ASN A 105 8.17 5.68 13.40
CA ASN A 105 8.94 6.85 12.98
C ASN A 105 8.78 8.07 13.93
N LYS A 106 7.66 8.15 14.70
CA LYS A 106 7.36 9.38 15.44
C LYS A 106 8.42 9.71 16.47
N ARG A 107 9.03 8.71 17.10
CA ARG A 107 10.14 8.95 18.04
C ARG A 107 11.55 8.97 17.40
N GLY A 108 11.60 9.00 16.05
CA GLY A 108 12.80 8.72 15.29
C GLY A 108 13.32 9.93 14.58
N GLY A 109 14.14 9.68 13.57
CA GLY A 109 14.66 10.73 12.71
C GLY A 109 15.41 10.20 11.51
N ARG A 110 16.22 11.05 10.89
CA ARG A 110 16.84 10.76 9.64
C ARG A 110 18.27 11.26 9.58
N TRP A 111 19.15 10.41 9.05
CA TRP A 111 20.41 10.86 8.44
C TRP A 111 20.17 11.47 7.07
N LEU A 112 20.48 12.77 6.90
CA LEU A 112 20.16 13.48 5.67
C LEU A 112 21.38 13.82 4.78
N ILE A 113 21.27 13.48 3.47
CA ILE A 113 22.19 13.92 2.42
C ILE A 113 21.41 14.99 1.55
N THR A 114 21.90 16.20 1.39
CA THR A 114 21.28 17.15 0.45
C THR A 114 22.17 17.32 -0.78
N LEU A 115 21.61 17.07 -1.96
CA LEU A 115 22.28 17.25 -3.24
C LEU A 115 21.93 18.62 -3.87
N ASN A 116 22.95 19.30 -4.33
CA ASN A 116 22.79 20.48 -5.17
C ASN A 116 22.24 20.11 -6.60
N LYS A 117 21.81 21.14 -7.35
CA LYS A 117 21.18 21.03 -8.68
C LYS A 117 22.06 20.24 -9.66
N GLN A 118 23.37 20.54 -9.66
CA GLN A 118 24.38 19.79 -10.41
C GLN A 118 24.37 18.30 -10.07
N GLN A 119 24.36 17.98 -8.77
CA GLN A 119 24.53 16.62 -8.28
C GLN A 119 23.35 15.74 -8.54
N ARG A 120 22.25 16.24 -9.13
CA ARG A 120 21.15 15.37 -9.57
C ARG A 120 21.67 14.43 -10.63
N ARG A 121 22.25 15.03 -11.66
CA ARG A 121 22.72 14.28 -12.78
C ARG A 121 23.92 13.38 -12.38
N SER A 122 24.87 13.90 -11.60
CA SER A 122 26.03 13.14 -11.15
C SER A 122 25.81 12.10 -10.02
N ASP A 123 25.08 12.42 -8.91
CA ASP A 123 25.07 11.60 -7.70
C ASP A 123 23.74 11.01 -7.27
N LEU A 124 22.59 11.46 -7.78
CA LEU A 124 21.29 11.00 -7.30
C LEU A 124 21.14 9.48 -7.45
N ASN A 125 21.33 8.91 -8.65
CA ASN A 125 21.10 7.50 -8.86
C ASN A 125 22.11 6.66 -8.10
N ARG A 126 23.36 7.05 -8.14
CA ARG A 126 24.44 6.36 -7.40
C ARG A 126 24.15 6.37 -5.86
N PHE A 127 23.92 7.54 -5.28
CA PHE A 127 23.69 7.64 -3.83
C PHE A 127 22.46 6.93 -3.39
N TRP A 128 21.41 6.94 -4.23
CA TRP A 128 20.18 6.27 -3.91
C TRP A 128 20.35 4.76 -3.94
N LEU A 129 20.99 4.21 -4.99
CA LEU A 129 21.32 2.79 -5.05
C LEU A 129 22.16 2.38 -3.80
N GLU A 130 23.23 3.14 -3.48
CA GLU A 130 24.05 2.78 -2.33
C GLU A 130 23.20 2.75 -1.03
N THR A 131 22.28 3.71 -0.88
CA THR A 131 21.32 3.74 0.25
C THR A 131 20.47 2.45 0.27
N LEU A 132 19.87 2.08 -0.87
CA LEU A 132 19.06 0.88 -1.01
C LEU A 132 19.83 -0.37 -0.60
N LEU A 133 21.08 -0.49 -1.01
CA LEU A 133 21.88 -1.68 -0.65
C LEU A 133 22.21 -1.74 0.83
N CYS A 134 22.37 -0.60 1.47
CA CYS A 134 22.61 -0.54 2.90
C CYS A 134 21.39 -1.07 3.66
N LEU A 135 20.18 -0.77 3.15
CA LEU A 135 18.94 -1.23 3.77
C LEU A 135 18.75 -2.74 3.58
N ILE A 136 18.62 -3.18 2.33
CA ILE A 136 18.29 -4.59 2.06
C ILE A 136 19.41 -5.51 2.54
N GLY A 137 20.66 -5.05 2.53
CA GLY A 137 21.79 -5.88 2.97
C GLY A 137 22.02 -5.93 4.48
N GLU A 138 21.28 -5.14 5.26
CA GLU A 138 21.44 -5.05 6.70
C GLU A 138 22.86 -4.64 7.12
N SER A 139 23.29 -3.52 6.60
CA SER A 139 24.66 -3.08 6.67
C SER A 139 25.10 -2.44 7.99
N PHE A 140 24.18 -2.31 8.94
CA PHE A 140 24.50 -1.65 10.20
C PHE A 140 24.58 -2.64 11.34
N ASP A 141 24.79 -3.97 11.06
CA ASP A 141 24.97 -4.99 12.08
C ASP A 141 23.72 -4.98 12.98
N ASP A 142 23.81 -5.13 14.31
CA ASP A 142 22.57 -5.21 15.10
C ASP A 142 21.74 -3.92 15.00
N TYR A 143 22.41 -2.77 14.72
CA TYR A 143 21.74 -1.49 14.62
C TYR A 143 20.87 -1.33 13.34
N SER A 144 20.93 -2.27 12.40
CA SER A 144 20.01 -2.30 11.26
C SER A 144 18.54 -2.42 11.66
N ASP A 145 18.25 -2.97 12.82
CA ASP A 145 16.92 -3.02 13.37
C ASP A 145 16.34 -1.64 13.69
N ASP A 146 17.17 -0.66 13.99
CA ASP A 146 16.75 0.72 14.08
C ASP A 146 16.35 1.39 12.79
N VAL A 147 16.73 0.84 11.67
CA VAL A 147 16.41 1.38 10.36
C VAL A 147 14.94 1.10 10.05
N CYS A 148 14.24 2.17 9.64
CA CYS A 148 12.86 2.10 9.19
C CYS A 148 12.76 2.05 7.67
N GLY A 149 13.57 2.84 7.01
CA GLY A 149 13.55 3.00 5.58
C GLY A 149 14.40 4.14 5.12
N ALA A 150 14.22 4.51 3.84
CA ALA A 150 14.94 5.56 3.16
C ALA A 150 14.01 6.35 2.26
N VAL A 151 14.22 7.67 2.16
CA VAL A 151 13.39 8.56 1.36
C VAL A 151 14.27 9.36 0.42
N VAL A 152 13.82 9.49 -0.83
CA VAL A 152 14.39 10.40 -1.78
C VAL A 152 13.31 11.42 -2.16
N ASN A 153 13.56 12.68 -1.90
CA ASN A 153 12.75 13.81 -2.33
C ASN A 153 13.41 14.45 -3.56
N VAL A 154 12.75 14.34 -4.71
CA VAL A 154 13.21 14.94 -5.96
C VAL A 154 12.64 16.34 -6.02
N ARG A 155 13.52 17.36 -6.04
CA ARG A 155 13.11 18.79 -5.96
C ARG A 155 13.94 19.70 -6.88
N ALA A 156 13.39 20.84 -7.28
CA ALA A 156 14.07 21.79 -8.18
C ALA A 156 15.25 22.46 -7.47
N LYS A 157 15.07 22.95 -6.25
CA LYS A 157 16.17 23.48 -5.44
C LYS A 157 17.34 22.45 -5.27
N GLY A 158 17.03 21.16 -5.22
CA GLY A 158 18.04 20.15 -4.98
C GLY A 158 17.54 19.00 -4.13
N ASP A 159 18.05 17.82 -4.38
CA ASP A 159 17.40 16.60 -3.98
C ASP A 159 17.81 16.15 -2.62
N LYS A 160 16.91 15.50 -1.88
CA LYS A 160 17.24 15.00 -0.55
C LYS A 160 17.21 13.52 -0.49
N ILE A 161 18.26 12.86 0.09
CA ILE A 161 18.27 11.40 0.39
C ILE A 161 18.50 11.22 1.88
N ALA A 162 17.66 10.38 2.55
CA ALA A 162 17.71 10.21 3.98
C ALA A 162 17.43 8.79 4.38
N ILE A 163 18.22 8.24 5.33
CA ILE A 163 17.85 7.04 6.08
C ILE A 163 17.12 7.40 7.33
N TRP A 164 15.88 6.88 7.46
CA TRP A 164 15.00 7.06 8.62
C TRP A 164 15.22 5.93 9.63
N THR A 165 15.39 6.31 10.90
CA THR A 165 15.58 5.36 12.02
C THR A 165 14.46 5.61 13.07
N THR A 166 14.29 4.61 13.91
CA THR A 166 13.10 4.49 14.75
C THR A 166 13.14 5.30 16.04
N GLU A 167 14.34 5.60 16.56
CA GLU A 167 14.47 6.18 17.89
C GLU A 167 15.66 7.15 17.98
N CYS A 168 15.39 8.45 18.00
CA CYS A 168 16.46 9.46 18.05
C CYS A 168 17.31 9.42 19.34
N GLU A 169 16.81 8.86 20.49
CA GLU A 169 17.57 8.73 21.74
C GLU A 169 18.52 7.52 21.80
N ASN A 170 18.49 6.64 20.81
CA ASN A 170 19.52 5.59 20.66
C ASN A 170 20.79 6.14 19.97
N ARG A 171 21.59 6.95 20.69
CA ARG A 171 22.79 7.60 20.12
C ARG A 171 23.75 6.55 19.52
N GLU A 172 24.06 5.45 20.23
CA GLU A 172 24.99 4.44 19.71
C GLU A 172 24.54 3.85 18.38
N ALA A 173 23.24 3.45 18.28
CA ALA A 173 22.67 2.96 17.05
C ALA A 173 22.72 4.00 15.93
N VAL A 174 22.21 5.24 16.21
CA VAL A 174 22.07 6.31 15.25
C VAL A 174 23.45 6.68 14.72
N THR A 175 24.47 6.82 15.60
CA THR A 175 25.76 7.29 15.15
C THR A 175 26.52 6.21 14.37
N HIS A 176 26.39 4.95 14.76
CA HIS A 176 26.95 3.84 13.94
C HIS A 176 26.27 3.80 12.58
N ILE A 177 24.93 3.98 12.48
CA ILE A 177 24.25 4.00 11.17
C ILE A 177 24.84 5.12 10.31
N GLY A 178 24.95 6.29 10.91
CA GLY A 178 25.50 7.49 10.30
C GLY A 178 26.88 7.31 9.71
N ARG A 179 27.78 6.72 10.50
CA ARG A 179 29.19 6.54 10.12
C ARG A 179 29.34 5.53 9.01
N VAL A 180 28.63 4.41 9.10
CA VAL A 180 28.67 3.42 8.05
C VAL A 180 28.04 3.93 6.77
N TYR A 181 26.90 4.61 6.87
CA TYR A 181 26.23 5.16 5.70
C TYR A 181 27.15 6.15 4.94
N LYS A 182 27.82 7.07 5.67
CA LYS A 182 28.70 8.08 5.07
C LYS A 182 29.90 7.40 4.34
N GLU A 183 30.41 6.31 4.94
CA GLU A 183 31.47 5.49 4.39
C GLU A 183 31.00 4.87 3.04
N ARG A 184 29.78 4.30 3.05
CA ARG A 184 29.22 3.63 1.90
C ARG A 184 28.81 4.58 0.80
N LEU A 185 28.45 5.82 1.12
CA LEU A 185 28.26 6.86 0.12
C LEU A 185 29.62 7.37 -0.47
N GLY A 186 30.75 6.99 0.14
CA GLY A 186 32.07 7.48 -0.23
C GLY A 186 32.16 8.98 -0.10
N LEU A 187 31.63 9.52 0.98
CA LEU A 187 31.65 10.97 1.18
C LEU A 187 32.95 11.38 1.85
N PRO A 188 33.58 12.51 1.43
CA PRO A 188 34.78 12.98 2.14
C PRO A 188 34.51 13.30 3.62
N PRO A 189 35.45 13.04 4.55
CA PRO A 189 35.26 13.47 5.95
C PRO A 189 34.96 14.95 6.20
N LYS A 190 35.33 15.81 5.24
CA LYS A 190 34.98 17.23 5.27
C LYS A 190 33.45 17.41 5.17
N ILE A 191 32.80 16.58 4.35
CA ILE A 191 31.36 16.67 4.16
C ILE A 191 30.75 16.01 5.38
N VAL A 192 30.16 16.79 6.26
CA VAL A 192 29.50 16.26 7.44
C VAL A 192 28.02 16.08 7.15
N ILE A 193 27.45 14.91 7.52
CA ILE A 193 26.00 14.63 7.40
C ILE A 193 25.36 14.80 8.77
N GLY A 194 24.11 15.22 8.78
CA GLY A 194 23.41 15.50 10.03
C GLY A 194 22.19 14.61 10.23
N TYR A 195 21.93 14.24 11.53
CA TYR A 195 20.77 13.48 11.95
C TYR A 195 19.82 14.45 12.60
N GLN A 196 18.59 14.46 12.12
CA GLN A 196 17.52 15.31 12.56
C GLN A 196 16.38 14.45 13.08
N SER A 197 15.95 14.74 14.31
CA SER A 197 14.70 14.21 14.89
C SER A 197 13.54 14.59 13.99
N HIS A 198 12.63 13.68 13.75
CA HIS A 198 11.43 14.03 12.98
C HIS A 198 10.59 15.11 13.72
N ALA A 199 10.54 15.05 15.07
CA ALA A 199 9.86 16.08 15.86
C ALA A 199 10.45 17.51 15.66
N ASP A 200 11.78 17.65 15.42
CA ASP A 200 12.35 18.96 15.05
C ASP A 200 12.03 19.32 13.58
N THR A 201 12.26 18.39 12.64
CA THR A 201 11.93 18.63 11.24
C THR A 201 10.46 19.01 11.00
N ALA A 202 9.52 18.52 11.84
CA ALA A 202 8.11 18.82 11.67
C ALA A 202 7.82 20.28 11.96
N THR A 203 8.54 20.87 12.92
CA THR A 203 8.33 22.26 13.31
C THR A 203 9.22 23.14 12.46
N LYS A 204 8.60 24.04 11.69
CA LYS A 204 9.35 25.03 10.94
C LYS A 204 9.67 26.17 11.90
N SER A 205 10.97 26.46 12.13
CA SER A 205 11.44 27.47 13.11
C SER A 205 12.49 28.44 12.55
N GLY A 206 12.67 28.49 11.24
CA GLY A 206 13.72 29.31 10.64
C GLY A 206 14.25 28.72 9.36
N SER A 207 15.50 29.13 8.97
CA SER A 207 16.18 28.63 7.77
C SER A 207 16.78 27.22 7.95
N THR A 208 16.81 26.67 9.19
CA THR A 208 17.43 25.38 9.46
C THR A 208 16.67 24.58 10.51
N THR A 209 16.85 23.24 10.46
CA THR A 209 16.47 22.33 11.53
C THR A 209 17.74 22.00 12.34
N LYS A 210 17.59 21.90 13.66
CA LYS A 210 18.65 21.40 14.54
C LYS A 210 19.05 19.90 14.17
N ASN A 211 20.35 19.66 14.09
CA ASN A 211 20.91 18.32 14.01
C ASN A 211 21.19 17.77 15.42
N ARG A 212 20.46 16.76 15.86
CA ARG A 212 20.78 16.08 17.12
C ARG A 212 22.20 15.40 17.09
N PHE A 213 22.68 14.88 15.95
CA PHE A 213 24.02 14.32 15.79
C PHE A 213 24.59 14.68 14.38
N VAL A 214 25.93 14.57 14.24
CA VAL A 214 26.66 14.89 13.00
C VAL A 214 27.86 13.88 12.86
N VAL A 215 28.17 13.42 11.66
CA VAL A 215 29.31 12.52 11.38
C VAL A 215 29.97 12.96 10.05
N ALA B 9 5.67 -15.20 -2.32
CA ALA B 9 4.49 -16.03 -2.05
C ALA B 9 3.27 -15.17 -1.57
N ARG B 10 2.03 -15.57 -1.97
CA ARG B 10 0.84 -14.74 -1.73
C ARG B 10 0.45 -14.80 -0.25
N ILE B 11 0.13 -13.65 0.34
CA ILE B 11 -0.31 -13.59 1.73
C ILE B 11 -1.83 -13.81 1.80
N ILE B 12 -2.22 -14.94 2.39
CA ILE B 12 -3.60 -15.35 2.46
C ILE B 12 -3.96 -15.56 3.90
N TYR B 13 -5.05 -14.93 4.33
CA TYR B 13 -5.59 -15.15 5.66
C TYR B 13 -6.97 -15.72 5.55
N ASP B 14 -7.21 -16.85 6.22
CA ASP B 14 -8.56 -17.33 6.35
C ASP B 14 -9.34 -16.47 7.37
N ARG B 15 -10.65 -16.69 7.39
CA ARG B 15 -11.55 -15.97 8.25
C ARG B 15 -11.16 -16.07 9.72
N ALA B 16 -10.86 -17.30 10.20
CA ALA B 16 -10.50 -17.52 11.58
C ALA B 16 -9.28 -16.73 12.02
N PHE B 17 -8.23 -16.67 11.19
CA PHE B 17 -7.03 -15.92 11.55
C PHE B 17 -7.33 -14.42 11.67
N LEU B 18 -8.09 -13.84 10.71
CA LEU B 18 -8.41 -12.41 10.75
C LEU B 18 -9.25 -12.06 11.98
N MET B 19 -10.20 -12.90 12.35
CA MET B 19 -10.99 -12.66 13.57
C MET B 19 -10.15 -12.72 14.85
N ALA B 20 -9.24 -13.69 14.96
CA ALA B 20 -8.30 -13.78 16.08
C ALA B 20 -7.49 -12.50 16.27
N CYS B 21 -7.07 -11.82 15.17
CA CYS B 21 -6.33 -10.56 15.22
C CYS B 21 -7.17 -9.31 15.67
N ARG B 22 -8.49 -9.45 15.84
CA ARG B 22 -9.38 -8.34 16.23
C ARG B 22 -9.38 -8.16 17.74
N GLY B 23 -9.40 -6.92 18.23
CA GLY B 23 -9.42 -6.66 19.67
C GLY B 23 -10.76 -6.97 20.33
N LYS B 34 2.85 -6.68 13.48
CA LYS B 34 1.63 -6.54 12.66
C LYS B 34 1.67 -7.48 11.47
N HIS B 35 0.48 -7.92 11.01
CA HIS B 35 0.32 -8.93 9.96
C HIS B 35 0.06 -8.28 8.62
N PRO B 36 1.06 -8.29 7.72
CA PRO B 36 0.90 -7.58 6.46
C PRO B 36 -0.15 -8.16 5.54
N LEU B 37 -0.89 -7.28 4.87
CA LEU B 37 -1.81 -7.69 3.82
C LEU B 37 -1.06 -7.82 2.47
N GLN B 38 -1.56 -8.67 1.58
CA GLN B 38 -1.05 -8.79 0.22
C GLN B 38 -1.13 -7.49 -0.52
N ASN B 39 -2.20 -6.74 -0.31
CA ASN B 39 -2.42 -5.45 -0.93
C ASN B 39 -2.68 -4.34 0.12
N ARG B 40 -2.38 -3.11 -0.27
CA ARG B 40 -2.87 -1.93 0.44
CA ARG B 40 -2.88 -1.95 0.46
C ARG B 40 -4.26 -1.60 -0.08
N TRP B 41 -5.16 -1.18 0.81
CA TRP B 41 -6.57 -0.92 0.50
C TRP B 41 -6.92 0.52 0.90
N ALA B 42 -7.85 1.14 0.15
CA ALA B 42 -8.32 2.49 0.43
C ALA B 42 -9.82 2.47 0.63
N LEU B 43 -10.29 3.02 1.76
CA LEU B 43 -11.69 3.15 2.09
C LEU B 43 -12.17 4.51 1.63
N TRP B 44 -13.24 4.50 0.84
CA TRP B 44 -13.88 5.65 0.24
C TRP B 44 -15.32 5.78 0.71
N PHE B 45 -15.78 7.02 0.79
CA PHE B 45 -17.14 7.41 1.12
C PHE B 45 -17.64 8.26 -0.03
N PHE B 46 -18.90 8.06 -0.44
CA PHE B 46 -19.52 8.82 -1.51
C PHE B 46 -21.01 9.08 -1.22
N LYS B 47 -21.39 10.35 -1.00
CA LYS B 47 -22.82 10.75 -0.91
C LYS B 47 -23.34 11.22 -2.29
N ASN B 48 -24.57 10.80 -2.72
CA ASN B 48 -25.16 11.33 -3.96
C ASN B 48 -25.67 12.79 -3.76
N ASP B 49 -24.83 13.80 -4.09
CA ASP B 49 -25.23 15.22 -4.02
C ASP B 49 -24.86 16.01 -5.31
N LYS B 50 -25.88 16.59 -5.96
CA LYS B 50 -25.75 17.21 -7.28
C LYS B 50 -25.23 18.66 -7.18
N SER B 51 -25.47 19.35 -6.03
CA SER B 51 -24.86 20.67 -5.79
C SER B 51 -23.33 20.60 -5.55
N LYS B 52 -22.72 19.39 -5.62
CA LYS B 52 -21.29 19.20 -5.38
C LYS B 52 -20.58 18.38 -6.50
N THR B 53 -21.30 17.51 -7.25
CA THR B 53 -20.75 16.68 -8.36
C THR B 53 -19.66 15.68 -7.88
N TRP B 54 -19.43 14.62 -8.70
CA TRP B 54 -18.64 13.42 -8.36
C TRP B 54 -17.25 13.66 -7.76
N GLN B 55 -16.63 14.82 -8.00
CA GLN B 55 -15.30 15.13 -7.43
C GLN B 55 -15.42 15.44 -5.93
N ALA B 56 -16.38 16.30 -5.56
CA ALA B 56 -16.53 16.71 -4.16
C ALA B 56 -17.26 15.68 -3.32
N ASN B 57 -18.09 14.82 -3.94
CA ASN B 57 -18.82 13.80 -3.20
C ASN B 57 -17.92 12.65 -2.80
N LEU B 58 -16.98 12.28 -3.67
CA LEU B 58 -16.10 11.17 -3.39
C LEU B 58 -15.02 11.66 -2.48
N ARG B 59 -15.03 11.19 -1.20
CA ARG B 59 -14.00 11.49 -0.22
C ARG B 59 -13.26 10.20 0.22
N LEU B 60 -11.92 10.23 0.16
CA LEU B 60 -11.08 9.18 0.73
C LEU B 60 -11.05 9.33 2.25
N ILE B 61 -11.20 8.20 2.98
CA ILE B 61 -11.34 8.18 4.44
C ILE B 61 -10.01 7.75 5.01
N SER B 62 -9.44 6.64 4.51
CA SER B 62 -8.18 6.11 5.06
C SER B 62 -7.65 4.93 4.24
N LYS B 63 -6.33 4.68 4.28
CA LYS B 63 -5.67 3.51 3.68
C LYS B 63 -5.01 2.63 4.74
N PHE B 64 -4.77 1.34 4.42
CA PHE B 64 -4.22 0.37 5.35
C PHE B 64 -3.65 -0.81 4.62
N ASP B 65 -2.68 -1.47 5.21
CA ASP B 65 -2.04 -2.65 4.62
C ASP B 65 -1.61 -3.67 5.69
N THR B 66 -2.24 -3.65 6.87
CA THR B 66 -2.10 -4.72 7.87
C THR B 66 -3.48 -5.11 8.38
N VAL B 67 -3.57 -6.33 8.96
CA VAL B 67 -4.78 -6.85 9.57
C VAL B 67 -5.20 -5.98 10.74
N GLU B 68 -4.25 -5.59 11.59
CA GLU B 68 -4.50 -4.76 12.77
C GLU B 68 -5.01 -3.35 12.43
N ASP B 69 -4.44 -2.73 11.39
CA ASP B 69 -4.89 -1.39 10.95
C ASP B 69 -6.28 -1.47 10.28
N PHE B 70 -6.59 -2.60 9.59
CA PHE B 70 -7.95 -2.89 9.12
C PHE B 70 -8.91 -2.90 10.30
N TRP B 71 -8.60 -3.70 11.34
CA TRP B 71 -9.47 -3.76 12.50
C TRP B 71 -9.57 -2.49 13.27
N ALA B 72 -8.51 -1.72 13.42
CA ALA B 72 -8.58 -0.38 14.04
C ALA B 72 -9.59 0.52 13.31
N LEU B 73 -9.51 0.58 11.97
CA LEU B 73 -10.42 1.38 11.15
C LEU B 73 -11.82 0.85 11.21
N TYR B 74 -11.97 -0.49 11.14
CA TYR B 74 -13.27 -1.12 11.26
C TYR B 74 -13.95 -0.79 12.59
N ASN B 75 -13.24 -0.99 13.70
CA ASN B 75 -13.75 -0.70 15.04
C ASN B 75 -14.07 0.80 15.16
N HIS B 76 -13.18 1.67 14.69
CA HIS B 76 -13.46 3.10 14.66
C HIS B 76 -14.78 3.43 13.90
N ILE B 77 -14.89 3.06 12.58
CA ILE B 77 -16.10 3.30 11.76
C ILE B 77 -17.37 2.71 12.42
N GLN B 78 -17.27 1.50 12.98
CA GLN B 78 -18.38 0.78 13.62
C GLN B 78 -18.91 1.54 14.84
N LEU B 79 -18.00 2.18 15.61
CA LEU B 79 -18.37 2.98 16.79
C LEU B 79 -18.85 4.38 16.34
N SER B 80 -18.03 5.09 15.54
CA SER B 80 -18.13 6.53 15.31
C SER B 80 -19.11 6.92 14.21
N SER B 81 -19.69 5.96 13.49
CA SER B 81 -20.47 6.29 12.29
C SER B 81 -21.83 5.68 12.40
N ASN B 82 -22.85 6.41 11.92
CA ASN B 82 -24.23 5.94 11.86
C ASN B 82 -24.67 5.80 10.39
N LEU B 83 -25.69 4.95 10.18
CA LEU B 83 -26.07 4.52 8.84
C LEU B 83 -27.02 5.50 8.14
N MET B 84 -26.57 6.10 7.01
CA MET B 84 -27.34 7.09 6.25
C MET B 84 -27.61 6.54 4.86
N PRO B 85 -28.88 6.34 4.44
CA PRO B 85 -29.12 6.02 3.02
C PRO B 85 -28.64 7.13 2.07
N GLY B 86 -28.55 6.78 0.80
CA GLY B 86 -27.92 7.63 -0.21
C GLY B 86 -26.39 7.53 -0.23
N CYS B 87 -25.79 7.11 0.88
CA CYS B 87 -24.35 6.96 0.99
C CYS B 87 -23.84 5.65 0.37
N ASP B 88 -22.55 5.64 0.07
CA ASP B 88 -21.86 4.45 -0.35
C ASP B 88 -20.52 4.42 0.33
N TYR B 89 -20.11 3.23 0.73
CA TYR B 89 -18.74 2.95 1.12
C TYR B 89 -18.14 1.95 0.14
N SER B 90 -16.86 2.11 -0.13
CA SER B 90 -16.10 1.29 -1.07
C SER B 90 -14.75 1.01 -0.48
N LEU B 91 -14.30 -0.26 -0.48
CA LEU B 91 -12.92 -0.61 -0.23
C LEU B 91 -12.28 -1.08 -1.52
N PHE B 92 -11.29 -0.33 -2.06
CA PHE B 92 -10.61 -0.70 -3.30
C PHE B 92 -9.11 -0.81 -3.09
N LYS B 93 -8.46 -1.64 -3.89
CA LYS B 93 -7.00 -1.70 -3.89
C LYS B 93 -6.40 -0.31 -4.14
N ASP B 94 -5.29 -0.05 -3.51
CA ASP B 94 -4.60 1.23 -3.61
C ASP B 94 -4.29 1.52 -5.09
N GLY B 95 -4.73 2.67 -5.59
CA GLY B 95 -4.53 3.11 -6.96
C GLY B 95 -5.69 2.89 -7.92
N ILE B 96 -6.79 2.33 -7.45
CA ILE B 96 -8.02 2.13 -8.22
C ILE B 96 -9.07 3.02 -7.55
N GLU B 97 -9.55 4.03 -8.29
CA GLU B 97 -10.70 4.79 -7.81
C GLU B 97 -11.99 3.94 -7.87
N PRO B 98 -12.91 4.16 -6.92
CA PRO B 98 -14.16 3.38 -6.91
C PRO B 98 -15.20 3.86 -7.92
N MET B 99 -14.79 4.05 -9.17
CA MET B 99 -15.62 4.47 -10.28
C MET B 99 -15.36 3.53 -11.46
N TRP B 100 -16.42 3.19 -12.18
CA TRP B 100 -16.31 2.21 -13.28
C TRP B 100 -15.45 2.75 -14.45
N GLU B 101 -15.29 4.09 -14.58
CA GLU B 101 -14.47 4.73 -15.59
C GLU B 101 -12.97 4.47 -15.41
N ASP B 102 -12.52 4.05 -14.20
CA ASP B 102 -11.12 3.72 -13.93
C ASP B 102 -10.67 2.62 -14.87
N GLU B 103 -9.40 2.72 -15.35
CA GLU B 103 -8.78 1.71 -16.21
C GLU B 103 -8.94 0.27 -15.68
N LYS B 104 -8.88 0.08 -14.34
CA LYS B 104 -9.05 -1.24 -13.73
C LYS B 104 -10.48 -1.69 -13.54
N ASN B 105 -11.49 -0.85 -13.80
CA ASN B 105 -12.88 -1.23 -13.66
C ASN B 105 -13.68 -1.19 -14.98
N LYS B 106 -13.23 -0.37 -15.97
CA LYS B 106 -14.08 -0.12 -17.15
C LYS B 106 -14.38 -1.39 -17.94
N ARG B 107 -13.43 -2.33 -18.02
CA ARG B 107 -13.68 -3.62 -18.67
C ARG B 107 -14.26 -4.72 -17.74
N GLY B 108 -14.68 -4.34 -16.54
CA GLY B 108 -14.96 -5.27 -15.44
C GLY B 108 -16.42 -5.33 -15.12
N GLY B 109 -16.70 -5.80 -13.92
CA GLY B 109 -18.05 -5.85 -13.38
C GLY B 109 -18.11 -6.26 -11.92
N ARG B 110 -19.28 -6.68 -11.47
CA ARG B 110 -19.54 -6.92 -10.10
C ARG B 110 -20.40 -8.15 -9.84
N TRP B 111 -20.03 -8.96 -8.80
CA TRP B 111 -20.96 -9.91 -8.17
C TRP B 111 -21.86 -9.14 -7.27
N LEU B 112 -23.18 -9.16 -7.47
CA LEU B 112 -24.08 -8.29 -6.71
C LEU B 112 -24.98 -9.10 -5.75
N ILE B 113 -25.04 -8.63 -4.49
CA ILE B 113 -25.90 -9.12 -3.43
C ILE B 113 -26.90 -8.04 -3.14
N THR B 114 -28.19 -8.26 -3.39
CA THR B 114 -29.22 -7.26 -3.08
C THR B 114 -29.96 -7.69 -1.86
N LEU B 115 -30.06 -6.79 -0.88
CA LEU B 115 -30.69 -7.06 0.39
C LEU B 115 -32.03 -6.33 0.45
N ASN B 116 -33.11 -7.04 0.83
CA ASN B 116 -34.40 -6.37 1.02
C ASN B 116 -34.41 -5.47 2.28
N LYS B 117 -35.50 -4.75 2.51
CA LYS B 117 -35.66 -3.80 3.59
C LYS B 117 -35.49 -4.46 4.95
N GLN B 118 -36.07 -5.66 5.13
CA GLN B 118 -35.90 -6.51 6.32
C GLN B 118 -34.42 -6.81 6.59
N GLN B 119 -33.69 -7.24 5.55
CA GLN B 119 -32.33 -7.71 5.68
C GLN B 119 -31.30 -6.62 5.95
N ARG B 120 -31.69 -5.34 5.91
CA ARG B 120 -30.85 -4.24 6.39
C ARG B 120 -30.46 -4.47 7.86
N ARG B 121 -31.46 -4.68 8.69
CA ARG B 121 -31.27 -4.87 10.12
C ARG B 121 -30.58 -6.23 10.41
N SER B 122 -31.00 -7.30 9.75
CA SER B 122 -30.42 -8.63 9.94
C SER B 122 -29.03 -8.92 9.29
N ASP B 123 -28.81 -8.55 8.00
CA ASP B 123 -27.65 -9.04 7.21
C ASP B 123 -26.64 -7.99 6.69
N LEU B 124 -26.93 -6.67 6.73
CA LEU B 124 -26.05 -5.66 6.14
C LEU B 124 -24.63 -5.75 6.72
N ASN B 125 -24.53 -5.60 8.07
CA ASN B 125 -23.23 -5.52 8.73
C ASN B 125 -22.48 -6.84 8.60
N ARG B 126 -23.16 -7.95 8.81
CA ARG B 126 -22.57 -9.29 8.66
C ARG B 126 -22.05 -9.52 7.21
N PHE B 127 -22.88 -9.30 6.21
CA PHE B 127 -22.49 -9.54 4.81
C PHE B 127 -21.38 -8.62 4.37
N TRP B 128 -21.39 -7.37 4.86
CA TRP B 128 -20.35 -6.43 4.51
C TRP B 128 -19.02 -6.81 5.11
N LEU B 129 -18.99 -7.17 6.42
CA LEU B 129 -17.79 -7.67 7.06
C LEU B 129 -17.26 -8.91 6.32
N GLU B 130 -18.13 -9.89 6.01
CA GLU B 130 -17.65 -11.10 5.32
C GLU B 130 -17.02 -10.74 3.96
N THR B 131 -17.62 -9.75 3.23
CA THR B 131 -17.05 -9.21 1.97
C THR B 131 -15.66 -8.63 2.20
N LEU B 132 -15.51 -7.77 3.22
CA LEU B 132 -14.25 -7.15 3.58
C LEU B 132 -13.16 -8.21 3.85
N LEU B 133 -13.50 -9.26 4.58
CA LEU B 133 -12.51 -10.30 4.90
C LEU B 133 -12.07 -11.10 3.67
N CYS B 134 -12.97 -11.29 2.72
CA CYS B 134 -12.67 -11.95 1.47
C CYS B 134 -11.64 -11.13 0.68
N LEU B 135 -11.75 -9.78 0.72
CA LEU B 135 -10.83 -8.92 0.03
C LEU B 135 -9.46 -8.91 0.71
N ILE B 136 -9.40 -8.46 1.97
CA ILE B 136 -8.11 -8.28 2.66
C ILE B 136 -7.41 -9.63 2.84
N GLY B 137 -8.15 -10.71 3.00
CA GLY B 137 -7.55 -12.04 3.19
C GLY B 137 -7.12 -12.76 1.91
N GLU B 138 -7.42 -12.20 0.74
CA GLU B 138 -7.10 -12.80 -0.57
C GLU B 138 -7.72 -14.18 -0.73
N SER B 139 -9.05 -14.21 -0.55
CA SER B 139 -9.82 -15.43 -0.44
C SER B 139 -10.11 -16.15 -1.73
N PHE B 140 -9.72 -15.60 -2.91
CA PHE B 140 -10.09 -16.21 -4.17
C PHE B 140 -8.91 -16.88 -4.85
N ASP B 141 -7.87 -17.27 -4.09
CA ASP B 141 -6.70 -17.96 -4.63
C ASP B 141 -6.00 -17.03 -5.69
N ASP B 142 -5.47 -17.52 -6.82
CA ASP B 142 -4.83 -16.61 -7.81
C ASP B 142 -5.81 -15.59 -8.40
N TYR B 143 -7.10 -15.92 -8.40
CA TYR B 143 -8.12 -15.05 -8.94
C TYR B 143 -8.42 -13.81 -8.05
N SER B 144 -7.84 -13.73 -6.85
CA SER B 144 -7.91 -12.50 -6.04
C SER B 144 -7.29 -11.28 -6.72
N ASP B 145 -6.38 -11.48 -7.65
CA ASP B 145 -5.82 -10.42 -8.47
C ASP B 145 -6.83 -9.78 -9.40
N ASP B 146 -7.88 -10.51 -9.80
CA ASP B 146 -9.01 -9.91 -10.54
C ASP B 146 -9.91 -9.03 -9.70
N VAL B 147 -9.81 -9.09 -8.38
CA VAL B 147 -10.60 -8.24 -7.48
C VAL B 147 -10.06 -6.82 -7.48
N CYS B 148 -10.96 -5.86 -7.68
CA CYS B 148 -10.67 -4.42 -7.58
C CYS B 148 -11.05 -3.85 -6.22
N GLY B 149 -12.19 -4.27 -5.71
CA GLY B 149 -12.76 -3.76 -4.47
C GLY B 149 -14.17 -4.23 -4.25
N ALA B 150 -14.84 -3.60 -3.29
CA ALA B 150 -16.19 -3.88 -2.87
C ALA B 150 -16.93 -2.60 -2.58
N VAL B 151 -18.26 -2.56 -2.92
CA VAL B 151 -19.09 -1.39 -2.73
C VAL B 151 -20.35 -1.78 -1.95
N VAL B 152 -20.73 -0.94 -0.99
CA VAL B 152 -22.00 -1.04 -0.33
C VAL B 152 -22.78 0.24 -0.60
N ASN B 153 -23.98 0.11 -1.19
CA ASN B 153 -24.89 1.24 -1.39
C ASN B 153 -26.03 1.06 -0.34
N VAL B 154 -26.11 1.96 0.63
CA VAL B 154 -27.16 1.98 1.65
C VAL B 154 -28.36 2.73 1.03
N ARG B 155 -29.48 2.04 0.80
CA ARG B 155 -30.65 2.61 0.11
C ARG B 155 -31.99 2.26 0.81
N ALA B 156 -33.01 3.09 0.62
CA ALA B 156 -34.33 2.88 1.24
C ALA B 156 -35.05 1.66 0.64
N LYS B 157 -35.07 1.53 -0.68
CA LYS B 157 -35.57 0.33 -1.36
C LYS B 157 -34.90 -0.98 -0.85
N GLY B 158 -33.61 -0.91 -0.51
CA GLY B 158 -32.87 -2.10 -0.11
C GLY B 158 -31.44 -2.05 -0.57
N ASP B 159 -30.55 -2.54 0.30
CA ASP B 159 -29.13 -2.26 0.17
C ASP B 159 -28.50 -3.11 -0.92
N LYS B 160 -27.31 -2.73 -1.34
CA LYS B 160 -26.57 -3.47 -2.36
C LYS B 160 -25.17 -3.65 -1.83
N ILE B 161 -24.67 -4.88 -1.92
CA ILE B 161 -23.26 -5.19 -1.68
C ILE B 161 -22.71 -5.89 -2.89
N ALA B 162 -21.52 -5.46 -3.38
CA ALA B 162 -20.93 -6.00 -4.61
C ALA B 162 -19.44 -6.09 -4.51
N ILE B 163 -18.86 -7.22 -4.97
CA ILE B 163 -17.43 -7.31 -5.29
C ILE B 163 -17.20 -6.95 -6.74
N TRP B 164 -16.38 -5.93 -6.98
CA TRP B 164 -15.95 -5.45 -8.31
C TRP B 164 -14.68 -6.17 -8.75
N THR B 165 -14.70 -6.67 -9.99
CA THR B 165 -13.56 -7.34 -10.62
C THR B 165 -13.18 -6.60 -11.91
N THR B 166 -11.96 -6.88 -12.38
CA THR B 166 -11.30 -6.06 -13.39
C THR B 166 -11.68 -6.39 -14.82
N GLU B 167 -12.14 -7.62 -15.09
CA GLU B 167 -12.33 -8.07 -16.47
C GLU B 167 -13.51 -9.06 -16.60
N CYS B 168 -14.64 -8.60 -17.16
CA CYS B 168 -15.83 -9.44 -17.28
C CYS B 168 -15.66 -10.66 -18.23
N GLU B 169 -14.67 -10.66 -19.16
CA GLU B 169 -14.40 -11.82 -20.05
C GLU B 169 -13.54 -12.92 -19.43
N ASN B 170 -13.01 -12.71 -18.23
CA ASN B 170 -12.34 -13.79 -17.48
C ASN B 170 -13.37 -14.67 -16.71
N ARG B 171 -14.07 -15.59 -17.46
CA ARG B 171 -15.15 -16.35 -16.84
C ARG B 171 -14.66 -17.20 -15.67
N GLU B 172 -13.51 -17.89 -15.84
CA GLU B 172 -12.96 -18.75 -14.79
C GLU B 172 -12.69 -17.98 -13.50
N ALA B 173 -12.00 -16.81 -13.62
CA ALA B 173 -11.73 -15.96 -12.49
C ALA B 173 -13.03 -15.48 -11.82
N VAL B 174 -13.96 -15.02 -12.65
CA VAL B 174 -15.18 -14.41 -12.22
C VAL B 174 -16.08 -15.41 -11.49
N THR B 175 -16.25 -16.62 -12.02
CA THR B 175 -17.21 -17.55 -11.43
C THR B 175 -16.60 -18.26 -10.21
N HIS B 176 -15.27 -18.43 -10.15
CA HIS B 176 -14.62 -18.89 -8.90
C HIS B 176 -14.85 -17.89 -7.76
N ILE B 177 -14.67 -16.59 -8.05
CA ILE B 177 -14.87 -15.53 -7.08
C ILE B 177 -16.31 -15.57 -6.57
N GLY B 178 -17.25 -15.68 -7.50
CA GLY B 178 -18.66 -15.71 -7.14
C GLY B 178 -19.05 -16.90 -6.30
N ARG B 179 -18.53 -18.11 -6.64
CA ARG B 179 -18.81 -19.33 -5.87
C ARG B 179 -18.22 -19.25 -4.49
N VAL B 180 -16.94 -18.78 -4.37
CA VAL B 180 -16.29 -18.64 -3.04
C VAL B 180 -17.00 -17.56 -2.26
N TYR B 181 -17.27 -16.43 -2.89
CA TYR B 181 -17.98 -15.34 -2.21
C TYR B 181 -19.34 -15.81 -1.66
N LYS B 182 -20.14 -16.52 -2.49
CA LYS B 182 -21.47 -17.01 -2.11
C LYS B 182 -21.34 -18.00 -0.91
N GLU B 183 -20.30 -18.84 -0.94
CA GLU B 183 -19.97 -19.79 0.14
C GLU B 183 -19.69 -19.01 1.45
N ARG B 184 -18.86 -17.97 1.35
CA ARG B 184 -18.46 -17.17 2.49
C ARG B 184 -19.56 -16.29 3.03
N LEU B 185 -20.51 -15.86 2.20
CA LEU B 185 -21.72 -15.22 2.68
C LEU B 185 -22.71 -16.23 3.36
N GLY B 186 -22.45 -17.53 3.25
CA GLY B 186 -23.32 -18.59 3.73
C GLY B 186 -24.68 -18.52 3.07
N LEU B 187 -24.72 -18.28 1.77
CA LEU B 187 -25.99 -18.15 1.07
C LEU B 187 -26.46 -19.55 0.63
N PRO B 188 -27.77 -19.87 0.75
CA PRO B 188 -28.26 -21.16 0.23
C PRO B 188 -28.05 -21.31 -1.28
N PRO B 189 -27.73 -22.51 -1.81
CA PRO B 189 -27.67 -22.70 -3.28
C PRO B 189 -28.90 -22.31 -4.10
N LYS B 190 -30.07 -22.25 -3.45
CA LYS B 190 -31.30 -21.74 -4.06
C LYS B 190 -31.16 -20.26 -4.40
N ILE B 191 -30.49 -19.49 -3.52
CA ILE B 191 -30.28 -18.06 -3.73
C ILE B 191 -29.18 -17.96 -4.75
N VAL B 192 -29.49 -17.56 -5.97
CA VAL B 192 -28.49 -17.35 -7.01
C VAL B 192 -28.07 -15.89 -7.04
N ILE B 193 -26.75 -15.63 -7.11
CA ILE B 193 -26.20 -14.26 -7.23
C ILE B 193 -25.81 -14.03 -8.69
N GLY B 194 -25.85 -12.79 -9.13
CA GLY B 194 -25.52 -12.46 -10.52
C GLY B 194 -24.32 -11.52 -10.67
N TYR B 195 -23.54 -11.73 -11.77
CA TYR B 195 -22.41 -10.90 -12.17
C TYR B 195 -22.85 -10.03 -13.32
N GLN B 196 -22.69 -8.73 -13.18
CA GLN B 196 -23.07 -7.73 -14.15
C GLN B 196 -21.83 -6.96 -14.60
N SER B 197 -21.63 -6.90 -15.91
CA SER B 197 -20.66 -6.00 -16.56
C SER B 197 -20.95 -4.57 -16.16
N HIS B 198 -19.93 -3.79 -15.85
CA HIS B 198 -20.15 -2.37 -15.59
C HIS B 198 -20.72 -1.63 -16.82
N ALA B 199 -20.29 -2.03 -18.03
CA ALA B 199 -20.85 -1.47 -19.26
C ALA B 199 -22.38 -1.71 -19.42
N ASP B 200 -22.92 -2.86 -18.92
CA ASP B 200 -24.39 -3.05 -18.89
C ASP B 200 -25.04 -2.24 -17.75
N THR B 201 -24.51 -2.30 -16.54
CA THR B 201 -25.03 -1.49 -15.44
C THR B 201 -25.03 0.02 -15.69
N ALA B 202 -24.11 0.54 -16.52
CA ALA B 202 -24.05 1.96 -16.83
C ALA B 202 -25.25 2.39 -17.64
N THR B 203 -25.76 1.51 -18.53
CA THR B 203 -26.88 1.83 -19.39
C THR B 203 -28.14 1.45 -18.65
N LYS B 204 -29.00 2.43 -18.40
CA LYS B 204 -30.32 2.18 -17.84
C LYS B 204 -31.23 1.75 -18.99
N SER B 205 -31.78 0.51 -18.91
CA SER B 205 -32.61 -0.08 -19.97
C SER B 205 -33.93 -0.69 -19.48
N GLY B 206 -34.34 -0.39 -18.25
CA GLY B 206 -35.54 -0.98 -17.66
C GLY B 206 -35.41 -1.16 -16.16
N SER B 207 -36.23 -2.07 -15.58
CA SER B 207 -36.18 -2.39 -14.13
C SER B 207 -35.01 -3.32 -13.74
N THR B 208 -34.26 -3.87 -14.74
CA THR B 208 -33.16 -4.81 -14.46
C THR B 208 -31.99 -4.61 -15.42
N THR B 209 -30.81 -5.04 -14.98
CA THR B 209 -29.61 -5.19 -15.79
C THR B 209 -29.41 -6.69 -16.12
N LYS B 210 -28.85 -6.98 -17.30
CA LYS B 210 -28.53 -8.38 -17.62
C LYS B 210 -27.34 -8.86 -16.77
N ASN B 211 -27.41 -10.10 -16.34
CA ASN B 211 -26.33 -10.82 -15.68
C ASN B 211 -25.50 -11.61 -16.70
N ARG B 212 -24.24 -11.27 -16.91
CA ARG B 212 -23.35 -12.06 -17.75
C ARG B 212 -23.13 -13.50 -17.18
N PHE B 213 -23.07 -13.68 -15.85
CA PHE B 213 -23.00 -15.00 -15.23
C PHE B 213 -23.86 -15.03 -13.94
N VAL B 214 -24.09 -16.23 -13.43
CA VAL B 214 -24.92 -16.50 -12.24
C VAL B 214 -24.31 -17.71 -11.50
N VAL B 215 -24.26 -17.67 -10.15
CA VAL B 215 -23.82 -18.81 -9.30
C VAL B 215 -24.71 -18.99 -8.08
S DMS C . 9.51 14.11 8.27
O DMS C . 8.74 15.04 9.21
C1 DMS C . 9.32 14.80 6.64
C2 DMS C . 11.23 14.51 8.50
S DMS D . 31.13 3.61 -3.98
O DMS D . 31.36 3.44 -5.46
C1 DMS D . 29.83 4.80 -3.80
C2 DMS D . 30.24 2.17 -3.47
C1 PGE E . 21.23 -17.76 -7.96
O1 PGE E . 20.79 -16.50 -7.48
C2 PGE E . 22.42 -18.29 -7.20
O2 PGE E . 23.55 -17.48 -7.46
C3 PGE E . 24.56 -17.55 -6.44
C4 PGE E . 24.94 -16.18 -6.00
O4 PGE E . 28.79 -14.20 -5.87
C6 PGE E . 27.77 -15.14 -6.17
C5 PGE E . 26.48 -14.48 -6.59
O3 PGE E . 25.54 -15.43 -7.04
C1 W5K F . 15.00 8.81 -7.34
C2 W5K F . 15.40 7.67 -8.23
C3 W5K F . 14.21 6.94 -8.86
C5 W5K F . 13.50 6.31 -11.16
C6 W5K F . 14.22 5.76 -12.39
C7 W5K F . 12.53 7.42 -11.52
C10 W5K F . 12.98 5.31 -7.37
C11 W5K F . 12.83 4.09 -6.75
C12 W5K F . 13.69 3.04 -7.01
C13 W5K F . 14.78 3.29 -7.85
C14 W5K F . 14.96 4.51 -8.47
C16 W5K F . 17.05 3.76 -9.60
C19 W5K F . 13.60 1.73 -6.31
C21 W5K F . 13.71 -0.67 -6.42
C22 W5K F . 13.63 -0.75 -5.03
C23 W5K F . 13.56 0.41 -4.30
C24 W5K F . 13.56 1.63 -4.93
O4 W5K F . 14.49 6.89 -10.27
O8 W5K F . 13.25 8.59 -11.83
C9 W5K F . 14.05 5.55 -8.24
N15 W5K F . 16.03 4.73 -9.30
C17 W5K F . 18.10 4.32 -10.55
O18 W5K F . 17.47 5.00 -11.63
C20 W5K F . 13.71 0.56 -7.04
F25 W5K F . 13.46 2.75 -4.19
H29 W5K F . 15.78 9.10 -6.83
H28 W5K F . 14.31 8.51 -6.72
H30 W5K F . 14.67 9.54 -7.88
H32 W5K F . 15.93 7.03 -7.70
H31 W5K F . 15.97 8.02 -8.94
H26 W5K F . 13.38 7.46 -8.70
H27 W5K F . 13.01 5.59 -10.71
H35 W5K F . 14.67 6.48 -12.85
H34 W5K F . 13.56 5.34 -12.99
H33 W5K F . 14.87 5.09 -12.11
H37 W5K F . 11.93 7.59 -10.75
H36 W5K F . 11.98 7.14 -12.28
H39 W5K F . 12.36 6.00 -7.20
H40 W5K F . 12.08 3.94 -6.16
H41 W5K F . 15.41 2.59 -8.00
H43 W5K F . 17.49 3.48 -8.77
H44 W5K F . 16.64 2.96 -10.01
H49 W5K F . 13.77 -1.47 -6.93
H50 W5K F . 13.62 -1.59 -4.60
H51 W5K F . 13.47 0.37 -3.35
H38 W5K F . 13.40 9.03 -11.11
H42 W5K F . 15.92 5.36 -9.89
H46 W5K F . 18.64 3.58 -10.90
H45 W5K F . 18.69 4.94 -10.06
H47 W5K F . 17.96 4.93 -12.33
H48 W5K F . 13.78 0.59 -8.00
S DMS G . -21.69 1.15 -12.06
O DMS G . -20.47 1.96 -11.71
C1 DMS G . -21.44 0.63 -13.74
C2 DMS G . -21.49 -0.42 -11.26
C1 PEG H . -5.13 -5.03 -10.29
O1 PEG H . -6.50 -5.36 -10.27
C2 PEG H . -4.80 -3.89 -9.36
O2 PEG H . -3.63 -3.19 -9.80
C3 PEG H . -3.13 -2.23 -8.87
C4 PEG H . -3.67 -0.87 -9.18
O4 PEG H . -3.16 -0.37 -10.40
C1 W5K I . -22.17 -1.34 6.65
C2 W5K I . -21.77 -0.02 6.07
C3 W5K I . -20.98 0.88 7.05
C5 W5K I . -21.64 1.84 9.22
C6 W5K I . -22.85 1.64 10.13
C7 W5K I . -21.76 3.13 8.43
C10 W5K I . -18.70 1.22 6.10
C11 W5K I . -17.35 0.96 5.99
C12 W5K I . -16.73 0.04 6.83
C13 W5K I . -17.52 -0.64 7.76
C14 W5K I . -18.87 -0.41 7.89
C16 W5K I . -18.97 -1.94 9.86
C19 W5K I . -15.29 -0.28 6.71
C21 W5K I . -13.12 -0.52 7.73
C22 W5K I . -12.57 -0.89 6.51
C23 W5K I . -13.38 -0.96 5.41
C24 W5K I . -14.72 -0.67 5.52
O4 W5K I . -21.56 0.70 8.33
O8 W5K I . -21.90 4.24 9.29
C9 W5K I . -19.50 0.55 7.04
N15 W5K I . -19.57 -1.12 8.84
C17 W5K I . -19.95 -2.94 10.45
O18 W5K I . -21.22 -2.35 10.66
C20 W5K I . -14.46 -0.22 7.85
F25 W5K I . -15.49 -0.71 4.40
H29 W5K I . -22.38 -1.96 5.92
H28 W5K I . -22.96 -1.23 7.21
H30 W5K I . -21.44 -1.70 7.19
H32 W5K I . -22.59 0.46 5.80
H31 W5K I . -21.22 -0.18 5.27
H26 W5K I . -21.09 1.80 6.76
H27 W5K I . -20.82 1.88 9.78
H35 W5K I . -23.67 1.78 9.62
H34 W5K I . -22.82 2.28 10.87
H33 W5K I . -22.85 0.73 10.49
H37 W5K I . -22.55 3.08 7.84
H36 W5K I . -20.96 3.25 7.88
H39 W5K I . -19.10 1.85 5.52
H40 W5K I . -16.83 1.42 5.34
H41 W5K I . -17.09 -1.28 8.33
H43 W5K I . -18.20 -2.44 9.48
H44 W5K I . -18.62 -1.36 10.59
H49 W5K I . -12.56 -0.49 8.51
H50 W5K I . -11.65 -1.10 6.45
H51 W5K I . -13.01 -1.20 4.56
H38 W5K I . -21.39 4.13 9.96
H42 W5K I . -20.44 -1.09 8.80
H46 W5K I . -19.60 -3.28 11.30
H45 W5K I . -20.05 -3.70 9.83
H47 W5K I . -21.69 -2.42 9.94
H48 W5K I . -14.83 0.02 8.68
#